data_4YG4
#
_entry.id   4YG4
#
_cell.length_a   100.650
_cell.length_b   69.800
_cell.length_c   78.300
_cell.angle_alpha   90.000
_cell.angle_beta   93.100
_cell.angle_gamma   90.000
#
_symmetry.space_group_name_H-M   'C 1 2 1'
#
loop_
_entity.id
_entity.type
_entity.pdbx_description
1 polymer 'Antitoxin HipB'
2 polymer 'DNA (28-MER)'
3 polymer "DNA (5'-D(*AP*TP*AP*TP*CP*CP*CP*CP*TP*TP*AP*AP*GP*GP*GP*GP*AP*TP*AP*A)-3')"
#
loop_
_entity_poly.entity_id
_entity_poly.type
_entity_poly.pdbx_seq_one_letter_code
_entity_poly.pdbx_strand_id
1 'polypeptide(L)' FQKIYSPTQLANAMKLVRQQNGWTQSELAKKIGIKQATISNFENNPDNTTLTTFFKILQSLELSMTLCDAK A,B,C,D
2 'polydeoxyribonucleotide'
;(DT)(DT)(DA)(DT)(DC)(DC)(DC)(DC)(DT)(DT)(DA)(DA)(DG)(DG)(DG)(DG)(DA)(DT)(DA)(DT)
(DA)(DT)(DA)(DT)(DA)(DT)(DA)(DT)
;
T
3 'polydeoxyribonucleotide' (DA)(DT)(DA)(DT)(DC)(DC)(DC)(DC)(DT)(DT)(DA)(DA)(DG)(DG)(DG)(DG)(DA)(DT)(DA)(DA) F
#
loop_
_chem_comp.id
_chem_comp.type
_chem_comp.name
_chem_comp.formula
DA DNA linking 2'-DEOXYADENOSINE-5'-MONOPHOSPHATE 'C10 H14 N5 O6 P'
DC DNA linking 2'-DEOXYCYTIDINE-5'-MONOPHOSPHATE 'C9 H14 N3 O7 P'
DG DNA linking 2'-DEOXYGUANOSINE-5'-MONOPHOSPHATE 'C10 H14 N5 O7 P'
DT DNA linking THYMIDINE-5'-MONOPHOSPHATE 'C10 H15 N2 O8 P'
#
# COMPACT_ATOMS: atom_id res chain seq x y z
N PHE A 1 -3.26 2.15 -29.55
CA PHE A 1 -3.98 1.83 -28.28
C PHE A 1 -5.21 2.71 -28.12
N GLN A 2 -5.81 2.68 -26.93
CA GLN A 2 -7.00 3.48 -26.69
C GLN A 2 -6.68 4.87 -26.20
N LYS A 3 -7.75 5.66 -26.08
CA LYS A 3 -7.68 7.05 -25.62
C LYS A 3 -7.67 7.12 -24.07
N ILE A 4 -6.54 7.60 -23.52
CA ILE A 4 -6.29 7.74 -22.08
C ILE A 4 -6.68 9.12 -21.56
N TYR A 5 -7.51 9.13 -20.54
CA TYR A 5 -7.99 10.39 -20.01
C TYR A 5 -7.69 10.65 -18.50
N SER A 6 -6.73 9.94 -17.88
CA SER A 6 -6.42 10.14 -16.44
C SER A 6 -5.27 9.29 -15.88
N PRO A 7 -4.86 9.54 -14.63
CA PRO A 7 -3.77 8.75 -14.06
C PRO A 7 -4.09 7.29 -13.85
N THR A 8 -5.20 7.02 -13.15
CA THR A 8 -5.54 5.64 -12.87
C THR A 8 -5.82 4.93 -14.18
N GLN A 9 -6.10 5.71 -15.22
CA GLN A 9 -6.36 5.14 -16.51
C GLN A 9 -5.02 4.75 -17.12
N LEU A 10 -4.11 5.73 -17.25
CA LEU A 10 -2.79 5.47 -17.80
C LEU A 10 -2.09 4.36 -17.01
N ALA A 11 -2.43 4.24 -15.73
CA ALA A 11 -1.85 3.23 -14.85
C ALA A 11 -2.38 1.82 -15.16
N ASN A 12 -3.69 1.72 -15.41
CA ASN A 12 -4.37 0.46 -15.75
C ASN A 12 -3.84 -0.10 -17.06
N ALA A 13 -3.65 0.81 -18.01
CA ALA A 13 -3.15 0.47 -19.33
C ALA A 13 -1.70 0.06 -19.25
N MET A 14 -0.91 0.84 -18.54
CA MET A 14 0.48 0.50 -18.43
C MET A 14 0.69 -0.80 -17.67
N LYS A 15 -0.06 -1.00 -16.59
CA LYS A 15 0.06 -2.25 -15.83
C LYS A 15 -0.29 -3.42 -16.79
N LEU A 16 -1.46 -3.34 -17.43
CA LEU A 16 -1.95 -4.37 -18.36
C LEU A 16 -0.85 -4.86 -19.28
N VAL A 17 -0.01 -3.94 -19.73
CA VAL A 17 1.09 -4.32 -20.61
C VAL A 17 2.18 -5.06 -19.84
N ARG A 18 2.60 -4.49 -18.71
CA ARG A 18 3.63 -5.10 -17.87
C ARG A 18 3.40 -6.63 -17.76
N GLN A 19 2.21 -7.05 -17.37
CA GLN A 19 1.91 -8.48 -17.24
C GLN A 19 1.84 -9.21 -18.59
N GLN A 20 1.20 -8.57 -19.57
CA GLN A 20 1.08 -9.20 -20.87
C GLN A 20 2.44 -9.59 -21.44
N ASN A 21 3.43 -8.71 -21.38
CA ASN A 21 4.75 -9.08 -21.92
C ASN A 21 5.49 -9.92 -20.89
N GLY A 22 4.74 -10.39 -19.91
CA GLY A 22 5.28 -11.25 -18.87
C GLY A 22 6.12 -10.56 -17.84
N TRP A 23 6.52 -9.32 -18.12
CA TRP A 23 7.38 -8.56 -17.21
C TRP A 23 6.79 -8.33 -15.81
N THR A 24 7.68 -8.07 -14.86
CA THR A 24 7.27 -7.80 -13.48
C THR A 24 7.87 -6.48 -13.08
N GLN A 25 7.51 -6.00 -11.90
CA GLN A 25 8.02 -4.72 -11.43
C GLN A 25 9.50 -4.68 -11.08
N SER A 26 10.06 -5.83 -10.72
CA SER A 26 11.47 -5.86 -10.35
C SER A 26 12.39 -5.82 -11.55
N GLU A 27 12.14 -6.71 -12.50
CA GLU A 27 12.97 -6.78 -13.69
C GLU A 27 13.01 -5.47 -14.46
N LEU A 28 11.95 -4.66 -14.33
CA LEU A 28 11.89 -3.38 -15.04
C LEU A 28 12.45 -2.28 -14.16
N ALA A 29 12.52 -2.57 -12.86
CA ALA A 29 13.03 -1.61 -11.89
C ALA A 29 14.53 -1.43 -12.07
N LYS A 30 15.26 -2.55 -12.03
CA LYS A 30 16.70 -2.52 -12.21
C LYS A 30 17.03 -1.88 -13.55
N LYS A 31 16.37 -2.38 -14.60
CA LYS A 31 16.59 -1.89 -15.96
C LYS A 31 16.65 -0.37 -16.11
N ILE A 32 15.62 0.34 -15.65
CA ILE A 32 15.61 1.78 -15.83
C ILE A 32 16.11 2.63 -14.67
N GLY A 33 16.73 2.00 -13.69
CA GLY A 33 17.30 2.75 -12.56
C GLY A 33 16.40 3.33 -11.47
N ILE A 34 15.40 2.57 -11.02
CA ILE A 34 14.51 3.05 -9.96
C ILE A 34 14.03 1.92 -9.04
N LYS A 35 13.37 2.30 -7.94
CA LYS A 35 12.89 1.33 -6.98
C LYS A 35 11.62 0.59 -7.39
N GLN A 36 11.53 -0.66 -6.95
CA GLN A 36 10.39 -1.53 -7.24
C GLN A 36 9.12 -0.98 -6.61
N ALA A 37 9.23 -0.47 -5.40
CA ALA A 37 8.05 0.07 -4.71
C ALA A 37 7.45 1.20 -5.52
N THR A 38 8.32 1.94 -6.18
CA THR A 38 7.91 3.06 -6.99
C THR A 38 6.86 2.62 -8.01
N ILE A 39 7.22 1.64 -8.82
CA ILE A 39 6.32 1.16 -9.85
C ILE A 39 5.00 0.68 -9.30
N SER A 40 5.08 -0.18 -8.31
CA SER A 40 3.87 -0.67 -7.68
C SER A 40 3.09 0.57 -7.26
N ASN A 41 3.78 1.50 -6.61
CA ASN A 41 3.19 2.75 -6.12
C ASN A 41 2.44 3.44 -7.27
N PHE A 42 3.05 3.41 -8.45
CA PHE A 42 2.44 4.02 -9.61
C PHE A 42 1.17 3.28 -10.00
N GLU A 43 1.27 1.97 -10.19
CA GLU A 43 0.13 1.19 -10.61
C GLU A 43 -1.21 1.28 -9.85
N ASN A 44 -1.18 1.37 -8.53
CA ASN A 44 -2.43 1.41 -7.74
C ASN A 44 -2.85 2.84 -7.37
N ASN A 45 -1.87 3.72 -7.26
CA ASN A 45 -2.09 5.12 -6.93
C ASN A 45 -1.09 5.94 -7.75
N PRO A 46 -1.43 6.22 -9.02
CA PRO A 46 -0.71 6.95 -10.06
C PRO A 46 -0.85 8.45 -10.05
N ASP A 47 -1.83 8.95 -9.30
CA ASP A 47 -2.08 10.39 -9.26
C ASP A 47 -0.92 11.30 -8.97
N ASN A 48 -0.16 11.00 -7.93
CA ASN A 48 0.94 11.88 -7.56
C ASN A 48 2.32 11.54 -8.08
N THR A 49 2.36 10.46 -8.85
CA THR A 49 3.60 10.05 -9.46
C THR A 49 4.18 11.17 -10.31
N THR A 50 5.49 11.29 -10.33
CA THR A 50 6.11 12.33 -11.12
C THR A 50 6.19 11.92 -12.60
N LEU A 51 6.38 12.92 -13.47
CA LEU A 51 6.49 12.68 -14.91
C LEU A 51 7.78 11.97 -15.30
N THR A 52 8.86 12.21 -14.55
CA THR A 52 10.13 11.54 -14.84
C THR A 52 9.95 10.03 -14.75
N THR A 53 9.30 9.56 -13.68
CA THR A 53 9.07 8.13 -13.53
C THR A 53 8.11 7.59 -14.59
N PHE A 54 7.05 8.33 -14.93
CA PHE A 54 6.08 7.89 -15.94
C PHE A 54 6.77 7.51 -17.24
N PHE A 55 7.86 8.21 -17.51
CA PHE A 55 8.62 7.96 -18.72
C PHE A 55 9.70 6.86 -18.58
N LYS A 56 10.35 6.78 -17.41
CA LYS A 56 11.37 5.73 -17.17
C LYS A 56 10.67 4.41 -17.39
N ILE A 57 9.36 4.42 -17.20
CA ILE A 57 8.55 3.25 -17.37
C ILE A 57 8.25 3.07 -18.85
N LEU A 58 7.81 4.14 -19.52
CA LEU A 58 7.52 4.07 -20.94
C LEU A 58 8.70 3.46 -21.74
N GLN A 59 9.93 3.82 -21.37
CA GLN A 59 11.13 3.32 -22.06
C GLN A 59 11.52 1.91 -21.64
N SER A 60 11.19 1.53 -20.40
CA SER A 60 11.47 0.17 -19.91
C SER A 60 10.38 -0.68 -20.56
N LEU A 61 9.16 -0.14 -20.56
CA LEU A 61 8.01 -0.78 -21.16
C LEU A 61 8.20 -0.68 -22.69
N GLU A 62 9.11 0.21 -23.08
CA GLU A 62 9.47 0.48 -24.47
C GLU A 62 8.31 0.76 -25.41
N LEU A 63 7.49 1.72 -25.00
CA LEU A 63 6.37 2.15 -25.82
C LEU A 63 6.44 3.68 -25.84
N SER A 64 5.81 4.29 -26.83
CA SER A 64 5.83 5.72 -26.98
C SER A 64 4.58 6.34 -26.38
N MET A 65 4.44 7.65 -26.59
CA MET A 65 3.31 8.38 -26.08
C MET A 65 3.11 9.61 -26.96
N THR A 66 2.14 9.57 -27.86
CA THR A 66 1.91 10.74 -28.68
C THR A 66 0.58 11.29 -28.24
N LEU A 67 0.18 12.43 -28.76
CA LEU A 67 -1.06 12.99 -28.34
C LEU A 67 -1.99 13.09 -29.53
N CYS A 68 -3.28 13.17 -29.26
CA CYS A 68 -4.26 13.25 -30.34
C CYS A 68 -5.29 14.31 -30.00
N ASP A 69 -6.20 14.54 -30.96
CA ASP A 69 -7.27 15.52 -30.78
C ASP A 69 -8.43 14.93 -29.98
N PHE B 1 0.48 13.96 -34.99
CA PHE B 1 1.51 14.75 -34.25
C PHE B 1 2.75 13.90 -33.96
N GLN B 2 3.62 14.43 -33.10
CA GLN B 2 4.85 13.74 -32.75
C GLN B 2 4.74 12.97 -31.45
N LYS B 3 5.49 11.87 -31.39
CA LYS B 3 5.56 11.03 -30.20
C LYS B 3 6.46 11.78 -29.21
N ILE B 4 6.28 11.52 -27.91
CA ILE B 4 7.08 12.20 -26.90
C ILE B 4 7.77 11.21 -25.95
N TYR B 5 9.04 11.48 -25.63
CA TYR B 5 9.81 10.59 -24.77
C TYR B 5 10.44 11.15 -23.50
N SER B 6 10.11 12.38 -23.10
CA SER B 6 10.72 12.93 -21.88
C SER B 6 9.85 14.00 -21.21
N PRO B 7 10.04 14.20 -19.89
CA PRO B 7 9.24 15.21 -19.18
C PRO B 7 9.11 16.54 -19.96
N THR B 8 10.25 17.14 -20.28
CA THR B 8 10.32 18.42 -21.01
C THR B 8 9.76 18.37 -22.42
N GLN B 9 10.15 17.35 -23.20
CA GLN B 9 9.66 17.21 -24.56
C GLN B 9 8.18 17.57 -24.55
N LEU B 10 7.49 16.98 -23.60
CA LEU B 10 6.06 17.15 -23.39
C LEU B 10 5.60 18.59 -23.08
N ALA B 11 5.99 19.11 -21.92
CA ALA B 11 5.63 20.47 -21.50
C ALA B 11 5.85 21.42 -22.69
N ASN B 12 6.92 21.16 -23.45
CA ASN B 12 7.24 21.98 -24.61
C ASN B 12 6.13 21.86 -25.63
N ALA B 13 5.64 20.64 -25.88
CA ALA B 13 4.54 20.44 -26.82
C ALA B 13 3.27 21.16 -26.36
N MET B 14 2.96 21.11 -25.07
CA MET B 14 1.80 21.82 -24.55
C MET B 14 1.87 23.34 -24.78
N LYS B 15 2.95 23.98 -24.32
CA LYS B 15 3.15 25.44 -24.51
C LYS B 15 2.79 25.86 -25.95
N LEU B 16 3.30 25.11 -26.94
CA LEU B 16 3.07 25.39 -28.37
C LEU B 16 1.60 25.52 -28.62
N VAL B 17 0.87 24.46 -28.25
CA VAL B 17 -0.57 24.39 -28.40
C VAL B 17 -1.27 25.49 -27.62
N ARG B 18 -0.76 25.77 -26.43
CA ARG B 18 -1.34 26.84 -25.61
C ARG B 18 -1.38 28.16 -26.37
N GLN B 19 -0.18 28.61 -26.76
CA GLN B 19 0.05 29.85 -27.47
C GLN B 19 -0.61 29.85 -28.84
N GLN B 20 -0.52 28.73 -29.53
CA GLN B 20 -1.11 28.67 -30.85
C GLN B 20 -2.62 28.92 -30.83
N ASN B 21 -3.25 28.81 -29.67
CA ASN B 21 -4.69 29.04 -29.57
C ASN B 21 -4.92 30.36 -28.87
N GLY B 22 -3.86 30.86 -28.24
CA GLY B 22 -3.92 32.12 -27.53
C GLY B 22 -4.68 32.06 -26.23
N TRP B 23 -4.38 31.05 -25.42
CA TRP B 23 -5.06 30.91 -24.15
C TRP B 23 -4.19 31.27 -23.00
N THR B 24 -4.53 32.35 -22.31
CA THR B 24 -3.77 32.78 -21.15
C THR B 24 -3.69 31.64 -20.11
N GLN B 25 -2.48 31.36 -19.65
CA GLN B 25 -2.25 30.31 -18.66
C GLN B 25 -3.21 30.52 -17.49
N SER B 26 -3.35 31.76 -17.09
CA SER B 26 -4.26 32.10 -15.99
C SER B 26 -5.68 31.56 -16.34
N GLU B 27 -6.06 31.68 -17.61
CA GLU B 27 -7.38 31.24 -18.04
C GLU B 27 -7.46 29.74 -18.14
N LEU B 28 -6.36 29.10 -18.51
CA LEU B 28 -6.35 27.65 -18.59
C LEU B 28 -6.53 27.15 -17.17
N ALA B 29 -5.73 27.69 -16.25
CA ALA B 29 -5.77 27.31 -14.86
C ALA B 29 -7.16 27.43 -14.25
N LYS B 30 -7.85 28.52 -14.56
CA LYS B 30 -9.20 28.74 -14.01
C LYS B 30 -10.22 27.67 -14.38
N LYS B 31 -10.19 27.23 -15.65
CA LYS B 31 -11.11 26.22 -16.14
C LYS B 31 -10.99 24.91 -15.38
N ILE B 32 -9.78 24.38 -15.29
CA ILE B 32 -9.58 23.10 -14.58
C ILE B 32 -9.53 23.32 -13.07
N GLY B 33 -9.78 24.55 -12.64
CA GLY B 33 -9.76 24.83 -11.22
C GLY B 33 -8.42 24.77 -10.49
N ILE B 34 -7.35 25.30 -11.09
CA ILE B 34 -6.04 25.31 -10.44
C ILE B 34 -5.45 26.71 -10.51
N LYS B 35 -4.16 26.83 -10.19
CA LYS B 35 -3.47 28.13 -10.19
C LYS B 35 -2.67 28.33 -11.47
N GLN B 36 -2.78 29.54 -12.02
CA GLN B 36 -2.06 29.87 -13.24
C GLN B 36 -0.61 29.58 -12.91
N ALA B 37 -0.36 29.49 -11.62
CA ALA B 37 0.97 29.26 -11.12
C ALA B 37 1.46 27.87 -11.51
N THR B 38 0.76 26.85 -11.03
CA THR B 38 1.18 25.49 -11.31
C THR B 38 1.31 25.23 -12.81
N ILE B 39 0.63 26.03 -13.62
CA ILE B 39 0.72 25.83 -15.06
C ILE B 39 2.09 26.31 -15.51
N SER B 40 2.58 27.35 -14.84
CA SER B 40 3.89 27.87 -15.18
C SER B 40 4.86 26.78 -14.76
N ASN B 41 4.77 26.41 -13.48
CA ASN B 41 5.62 25.38 -12.90
C ASN B 41 5.78 24.24 -13.90
N PHE B 42 4.64 23.74 -14.39
CA PHE B 42 4.61 22.66 -15.37
C PHE B 42 5.32 23.05 -16.66
N GLU B 43 5.04 24.25 -17.13
CA GLU B 43 5.61 24.75 -18.37
C GLU B 43 7.13 24.97 -18.35
N ASN B 44 7.67 25.45 -17.23
CA ASN B 44 9.11 25.70 -17.15
C ASN B 44 9.90 24.52 -16.64
N ASN B 45 9.37 23.93 -15.57
CA ASN B 45 10.01 22.78 -14.93
C ASN B 45 9.05 21.59 -14.79
N PRO B 46 8.90 20.79 -15.85
CA PRO B 46 8.02 19.64 -15.87
C PRO B 46 8.48 18.38 -15.15
N ASP B 47 9.78 18.18 -15.00
CA ASP B 47 10.22 16.89 -14.48
C ASP B 47 9.46 16.55 -13.19
N ASN B 48 9.32 17.54 -12.29
CA ASN B 48 8.65 17.30 -10.98
C ASN B 48 7.21 17.66 -11.04
N THR B 49 6.58 17.40 -12.15
CA THR B 49 5.12 17.76 -12.18
C THR B 49 4.32 16.50 -12.00
N THR B 50 3.25 16.55 -11.20
CA THR B 50 2.47 15.36 -10.98
C THR B 50 1.64 15.04 -12.23
N LEU B 51 1.02 13.87 -12.22
CA LEU B 51 0.20 13.43 -13.35
C LEU B 51 -1.20 14.03 -13.34
N THR B 52 -1.89 13.98 -12.22
CA THR B 52 -3.22 14.56 -12.21
C THR B 52 -3.06 15.96 -12.77
N THR B 53 -2.09 16.68 -12.25
CA THR B 53 -1.79 18.01 -12.71
C THR B 53 -1.71 17.96 -14.23
N PHE B 54 -0.70 17.25 -14.73
CA PHE B 54 -0.50 17.11 -16.16
C PHE B 54 -1.83 16.88 -16.90
N PHE B 55 -2.57 15.85 -16.50
CA PHE B 55 -3.84 15.50 -17.14
C PHE B 55 -4.81 16.65 -17.13
N LYS B 56 -4.82 17.41 -16.05
CA LYS B 56 -5.71 18.58 -15.99
C LYS B 56 -5.28 19.54 -17.12
N ILE B 57 -3.99 19.82 -17.20
CA ILE B 57 -3.48 20.70 -18.24
C ILE B 57 -4.09 20.20 -19.56
N LEU B 58 -3.87 18.92 -19.84
CA LEU B 58 -4.31 18.26 -21.07
C LEU B 58 -5.77 18.56 -21.43
N GLN B 59 -6.65 18.41 -20.46
CA GLN B 59 -8.07 18.64 -20.69
C GLN B 59 -8.35 20.10 -21.03
N SER B 60 -7.70 21.00 -20.32
CA SER B 60 -7.94 22.42 -20.58
C SER B 60 -7.53 22.73 -22.01
N LEU B 61 -6.56 21.97 -22.49
CA LEU B 61 -6.05 22.19 -23.85
C LEU B 61 -6.92 21.48 -24.90
N GLU B 62 -7.98 20.82 -24.41
CA GLU B 62 -8.95 20.07 -25.22
C GLU B 62 -8.16 19.06 -26.03
N LEU B 63 -7.19 18.48 -25.35
CA LEU B 63 -6.29 17.48 -25.91
C LEU B 63 -6.46 16.15 -25.17
N SER B 64 -5.70 15.15 -25.58
CA SER B 64 -5.76 13.85 -24.95
C SER B 64 -4.50 13.15 -25.38
N MET B 65 -4.15 12.09 -24.67
CA MET B 65 -2.92 11.35 -24.98
C MET B 65 -3.14 9.89 -25.28
N THR B 66 -2.16 9.27 -25.88
CA THR B 66 -2.27 7.87 -26.24
C THR B 66 -0.89 7.18 -26.23
N LEU B 67 -0.89 5.91 -25.90
CA LEU B 67 0.38 5.22 -25.90
C LEU B 67 0.68 4.69 -27.31
N CYS B 68 1.90 4.23 -27.56
CA CYS B 68 2.21 3.64 -28.86
C CYS B 68 3.60 3.03 -28.85
N ASP B 69 4.04 2.47 -29.98
CA ASP B 69 5.33 1.81 -30.05
C ASP B 69 6.60 2.63 -30.07
N ALA B 70 7.55 2.21 -29.24
CA ALA B 70 8.85 2.85 -29.17
C ALA B 70 9.48 2.40 -30.47
N LYS B 71 9.12 3.10 -31.54
CA LYS B 71 9.61 2.83 -32.89
C LYS B 71 10.85 1.92 -32.93
N PHE E 1 -13.30 -13.28 31.21
CA PHE E 1 -13.10 -11.81 30.95
C PHE E 1 -13.74 -11.43 29.60
N GLN E 2 -13.44 -10.24 29.09
CA GLN E 2 -13.99 -9.78 27.81
C GLN E 2 -13.32 -10.43 26.60
N LYS E 3 -14.13 -10.89 25.67
CA LYS E 3 -13.62 -11.54 24.46
C LYS E 3 -13.25 -10.48 23.43
N ILE E 4 -12.09 -10.65 22.82
CA ILE E 4 -11.58 -9.72 21.82
C ILE E 4 -11.66 -10.31 20.40
N TYR E 5 -12.11 -9.52 19.42
CA TYR E 5 -12.23 -10.01 18.06
C TYR E 5 -11.52 -9.21 16.98
N SER E 6 -10.57 -8.35 17.34
CA SER E 6 -9.86 -7.59 16.32
C SER E 6 -8.62 -6.90 16.87
N PRO E 7 -7.69 -6.52 15.96
CA PRO E 7 -6.42 -5.84 16.29
C PRO E 7 -6.66 -4.54 17.07
N THR E 8 -7.64 -3.77 16.61
CA THR E 8 -8.02 -2.51 17.23
C THR E 8 -8.64 -2.74 18.61
N GLN E 9 -9.48 -3.77 18.73
CA GLN E 9 -10.09 -4.05 20.01
C GLN E 9 -8.98 -4.43 20.98
N LEU E 10 -7.93 -5.09 20.47
CA LEU E 10 -6.80 -5.49 21.28
C LEU E 10 -6.00 -4.27 21.75
N ALA E 11 -5.45 -3.53 20.80
CA ALA E 11 -4.68 -2.34 21.13
C ALA E 11 -5.38 -1.50 22.19
N ASN E 12 -6.67 -1.25 21.99
CA ASN E 12 -7.43 -0.45 22.95
C ASN E 12 -7.38 -1.04 24.36
N ALA E 13 -7.60 -2.35 24.48
CA ALA E 13 -7.58 -2.97 25.81
C ALA E 13 -6.19 -2.89 26.44
N MET E 14 -5.16 -3.23 25.68
CA MET E 14 -3.80 -3.20 26.20
C MET E 14 -3.35 -1.78 26.51
N LYS E 15 -3.71 -0.82 25.67
CA LYS E 15 -3.35 0.57 25.91
C LYS E 15 -4.02 1.02 27.22
N LEU E 16 -5.23 0.53 27.46
CA LEU E 16 -6.00 0.87 28.67
C LEU E 16 -5.24 0.37 29.89
N VAL E 17 -4.75 -0.88 29.81
CA VAL E 17 -4.00 -1.47 30.90
C VAL E 17 -2.69 -0.74 31.16
N ARG E 18 -2.05 -0.25 30.10
CA ARG E 18 -0.80 0.47 30.28
C ARG E 18 -1.07 1.75 31.05
N GLN E 19 -2.17 2.42 30.71
CA GLN E 19 -2.56 3.66 31.38
C GLN E 19 -3.05 3.42 32.83
N GLN E 20 -3.86 2.37 33.03
CA GLN E 20 -4.38 2.06 34.37
C GLN E 20 -3.24 1.71 35.34
N ASN E 21 -2.09 1.28 34.80
CA ASN E 21 -0.92 0.95 35.61
C ASN E 21 0.12 2.09 35.62
N GLY E 22 -0.21 3.17 34.93
CA GLY E 22 0.67 4.33 34.88
C GLY E 22 1.99 4.21 34.13
N TRP E 23 2.07 3.29 33.18
CA TRP E 23 3.31 3.12 32.42
C TRP E 23 3.32 3.96 31.14
N THR E 24 4.51 4.30 30.66
CA THR E 24 4.67 5.09 29.44
C THR E 24 5.12 4.15 28.33
N GLN E 25 5.15 4.65 27.11
CA GLN E 25 5.58 3.82 26.01
C GLN E 25 7.07 3.50 26.09
N SER E 26 7.83 4.46 26.63
CA SER E 26 9.26 4.29 26.76
C SER E 26 9.73 3.20 27.71
N GLU E 27 9.34 3.30 28.98
CA GLU E 27 9.76 2.29 29.96
C GLU E 27 9.41 0.86 29.55
N LEU E 28 8.25 0.68 28.93
CA LEU E 28 7.84 -0.65 28.49
C LEU E 28 8.71 -1.08 27.33
N ALA E 29 8.95 -0.15 26.42
CA ALA E 29 9.78 -0.42 25.26
C ALA E 29 11.20 -0.85 25.66
N LYS E 30 11.75 -0.18 26.66
CA LYS E 30 13.10 -0.48 27.14
C LYS E 30 13.19 -1.85 27.80
N LYS E 31 12.17 -2.20 28.60
CA LYS E 31 12.15 -3.50 29.29
C LYS E 31 12.18 -4.68 28.32
N ILE E 32 11.36 -4.59 27.28
CA ILE E 32 11.27 -5.66 26.29
C ILE E 32 12.20 -5.57 25.07
N GLY E 33 13.00 -4.50 24.99
CA GLY E 33 13.95 -4.34 23.90
C GLY E 33 13.47 -3.82 22.55
N ILE E 34 12.37 -3.05 22.54
CA ILE E 34 11.86 -2.51 21.28
C ILE E 34 11.82 -0.99 21.33
N LYS E 35 11.65 -0.39 20.16
CA LYS E 35 11.58 1.06 20.05
C LYS E 35 10.24 1.54 20.54
N GLN E 36 10.22 2.76 21.06
CA GLN E 36 8.99 3.34 21.57
C GLN E 36 8.01 3.61 20.42
N ALA E 37 8.55 3.79 19.22
CA ALA E 37 7.73 4.04 18.02
C ALA E 37 6.87 2.82 17.68
N THR E 38 7.43 1.65 17.93
CA THR E 38 6.75 0.38 17.67
C THR E 38 5.51 0.30 18.56
N ILE E 39 5.69 0.59 19.85
CA ILE E 39 4.59 0.56 20.80
C ILE E 39 3.51 1.53 20.33
N SER E 40 3.94 2.71 19.94
CA SER E 40 3.01 3.73 19.47
C SER E 40 2.26 3.20 18.25
N ASN E 41 3.01 2.62 17.32
CA ASN E 41 2.37 2.08 16.14
C ASN E 41 1.32 1.05 16.57
N PHE E 42 1.73 0.16 17.47
CA PHE E 42 0.84 -0.89 17.94
C PHE E 42 -0.47 -0.40 18.54
N GLU E 43 -0.42 0.72 19.25
CA GLU E 43 -1.62 1.25 19.89
C GLU E 43 -2.59 1.93 18.93
N ASN E 44 -2.05 2.50 17.84
CA ASN E 44 -2.87 3.22 16.85
C ASN E 44 -3.13 2.46 15.52
N ASN E 45 -2.20 1.62 15.10
CA ASN E 45 -2.33 0.85 13.86
C ASN E 45 -1.95 -0.59 14.09
N PRO E 46 -2.65 -1.27 15.01
CA PRO E 46 -2.38 -2.67 15.35
C PRO E 46 -2.52 -3.65 14.19
N ASP E 47 -3.33 -3.28 13.18
CA ASP E 47 -3.54 -4.16 12.04
C ASP E 47 -2.26 -4.81 11.50
N ASN E 48 -1.24 -4.03 11.16
CA ASN E 48 -0.01 -4.59 10.63
C ASN E 48 1.11 -4.66 11.67
N THR E 49 0.82 -5.33 12.78
CA THR E 49 1.79 -5.50 13.84
C THR E 49 2.14 -6.98 13.97
N THR E 50 3.45 -7.23 14.08
CA THR E 50 4.01 -8.58 14.21
C THR E 50 3.52 -9.23 15.49
N LEU E 51 3.46 -10.55 15.50
CA LEU E 51 3.02 -11.24 16.70
C LEU E 51 4.05 -11.21 17.81
N THR E 52 5.35 -11.32 17.49
CA THR E 52 6.36 -11.28 18.56
C THR E 52 6.26 -9.97 19.27
N THR E 53 6.18 -8.91 18.47
CA THR E 53 6.05 -7.58 19.00
C THR E 53 4.88 -7.69 19.99
N PHE E 54 3.70 -8.08 19.48
CA PHE E 54 2.52 -8.20 20.33
C PHE E 54 2.77 -8.90 21.66
N PHE E 55 3.56 -9.97 21.64
CA PHE E 55 3.83 -10.70 22.87
C PHE E 55 4.92 -10.07 23.75
N LYS E 56 5.77 -9.23 23.17
CA LYS E 56 6.80 -8.58 23.98
C LYS E 56 6.04 -7.49 24.75
N ILE E 57 5.04 -6.91 24.10
CA ILE E 57 4.22 -5.87 24.70
C ILE E 57 3.28 -6.49 25.75
N LEU E 58 2.84 -7.71 25.49
CA LEU E 58 1.96 -8.42 26.40
C LEU E 58 2.71 -8.81 27.71
N GLN E 59 4.02 -8.99 27.58
CA GLN E 59 4.93 -9.38 28.67
C GLN E 59 5.33 -8.20 29.52
N SER E 60 5.65 -7.10 28.86
CA SER E 60 6.02 -5.91 29.56
C SER E 60 4.80 -5.48 30.37
N LEU E 61 3.61 -5.85 29.90
CA LEU E 61 2.37 -5.50 30.58
C LEU E 61 1.97 -6.52 31.65
N GLU E 62 2.92 -7.40 32.01
CA GLU E 62 2.65 -8.42 33.02
C GLU E 62 1.29 -9.02 32.74
N LEU E 63 1.05 -9.21 31.46
CA LEU E 63 -0.19 -9.77 30.96
C LEU E 63 0.10 -11.06 30.21
N SER E 64 -0.97 -11.80 29.93
CA SER E 64 -0.92 -13.06 29.23
C SER E 64 -2.22 -13.17 28.43
N MET E 65 -2.32 -14.09 27.48
CA MET E 65 -3.57 -14.23 26.74
C MET E 65 -4.08 -15.67 26.74
N THR E 66 -5.31 -15.86 26.30
CA THR E 66 -5.89 -17.21 26.28
C THR E 66 -7.00 -17.34 25.25
N LEU E 67 -7.05 -18.49 24.57
CA LEU E 67 -8.07 -18.73 23.57
C LEU E 67 -9.37 -19.17 24.29
N CYS E 68 -10.48 -19.09 23.56
CA CYS E 68 -11.78 -19.47 24.05
C CYS E 68 -12.79 -19.26 22.93
N ASP E 69 -14.08 -19.38 23.27
CA ASP E 69 -15.17 -19.31 22.30
C ASP E 69 -15.44 -17.93 21.64
N PHE F 1 -8.99 -24.30 28.27
CA PHE F 1 -7.85 -23.88 27.38
C PHE F 1 -6.83 -23.06 28.21
N GLN F 2 -5.63 -23.61 28.33
CA GLN F 2 -4.53 -23.01 29.11
C GLN F 2 -4.00 -21.63 28.68
N LYS F 3 -2.96 -21.19 29.38
CA LYS F 3 -2.30 -19.90 29.18
C LYS F 3 -1.11 -19.88 28.22
N ILE F 4 -1.20 -19.07 27.17
CA ILE F 4 -0.16 -18.93 26.14
C ILE F 4 0.80 -17.75 26.41
N TYR F 5 1.96 -17.74 25.76
CA TYR F 5 2.94 -16.67 25.98
C TYR F 5 3.83 -16.30 24.79
N SER F 6 3.66 -16.95 23.66
CA SER F 6 4.50 -16.62 22.52
C SER F 6 3.82 -16.90 21.20
N PRO F 7 4.37 -16.37 20.11
CA PRO F 7 3.74 -16.63 18.81
C PRO F 7 3.63 -18.15 18.52
N THR F 8 4.72 -18.85 18.81
CA THR F 8 4.84 -20.28 18.59
C THR F 8 3.81 -21.09 19.38
N GLN F 9 3.71 -20.80 20.67
CA GLN F 9 2.78 -21.48 21.54
C GLN F 9 1.36 -21.27 21.02
N LEU F 10 1.11 -20.09 20.45
CA LEU F 10 -0.21 -19.74 19.91
C LEU F 10 -0.51 -20.57 18.66
N ALA F 11 0.36 -20.51 17.67
CA ALA F 11 0.14 -21.28 16.44
C ALA F 11 -0.03 -22.75 16.77
N ASN F 12 0.77 -23.30 17.67
CA ASN F 12 0.63 -24.72 18.01
C ASN F 12 -0.78 -25.00 18.53
N ALA F 13 -1.26 -24.12 19.41
CA ALA F 13 -2.59 -24.25 20.01
C ALA F 13 -3.67 -24.13 18.96
N MET F 14 -3.59 -23.11 18.11
CA MET F 14 -4.57 -22.92 17.07
C MET F 14 -4.48 -24.02 16.02
N LYS F 15 -3.28 -24.50 15.74
CA LYS F 15 -3.13 -25.56 14.76
C LYS F 15 -3.83 -26.79 15.32
N LEU F 16 -3.62 -27.05 16.61
CA LEU F 16 -4.24 -28.20 17.25
C LEU F 16 -5.75 -28.17 17.05
N VAL F 17 -6.35 -27.00 17.34
CA VAL F 17 -7.78 -26.79 17.20
C VAL F 17 -8.23 -27.08 15.78
N ARG F 18 -7.49 -26.60 14.79
CA ARG F 18 -7.86 -26.83 13.41
C ARG F 18 -7.91 -28.33 13.11
N GLN F 19 -6.91 -29.06 13.59
CA GLN F 19 -6.86 -30.50 13.38
C GLN F 19 -7.97 -31.22 14.12
N GLN F 20 -8.20 -30.84 15.38
CA GLN F 20 -9.24 -31.46 16.22
C GLN F 20 -10.64 -31.27 15.61
N ASN F 21 -10.79 -30.22 14.80
CA ASN F 21 -12.07 -29.93 14.17
C ASN F 21 -12.11 -30.41 12.72
N GLY F 22 -11.03 -31.08 12.31
CA GLY F 22 -10.95 -31.65 10.97
C GLY F 22 -10.91 -30.70 9.80
N TRP F 23 -10.60 -29.43 10.05
CA TRP F 23 -10.55 -28.47 8.97
C TRP F 23 -9.17 -28.42 8.34
N THR F 24 -9.10 -27.92 7.11
CA THR F 24 -7.85 -27.79 6.38
C THR F 24 -7.55 -26.32 6.28
N GLN F 25 -6.33 -26.02 5.87
CA GLN F 25 -5.92 -24.64 5.74
C GLN F 25 -6.68 -24.00 4.60
N SER F 26 -7.11 -24.83 3.66
CA SER F 26 -7.85 -24.33 2.51
C SER F 26 -9.26 -23.83 2.86
N GLU F 27 -10.09 -24.68 3.44
CA GLU F 27 -11.46 -24.26 3.78
C GLU F 27 -11.50 -23.05 4.69
N LEU F 28 -10.55 -22.96 5.62
CA LEU F 28 -10.50 -21.83 6.54
C LEU F 28 -10.10 -20.58 5.79
N ALA F 29 -9.10 -20.71 4.92
CA ALA F 29 -8.61 -19.58 4.15
C ALA F 29 -9.67 -18.96 3.24
N LYS F 30 -10.51 -19.80 2.64
CA LYS F 30 -11.56 -19.29 1.77
C LYS F 30 -12.58 -18.49 2.56
N LYS F 31 -13.01 -19.05 3.69
CA LYS F 31 -13.98 -18.39 4.54
C LYS F 31 -13.56 -16.97 4.93
N ILE F 32 -12.31 -16.81 5.36
CA ILE F 32 -11.83 -15.49 5.80
C ILE F 32 -11.12 -14.62 4.76
N GLY F 33 -11.16 -15.02 3.50
CA GLY F 33 -10.56 -14.21 2.46
C GLY F 33 -9.04 -14.05 2.38
N ILE F 34 -8.30 -15.06 2.83
CA ILE F 34 -6.84 -15.00 2.75
C ILE F 34 -6.39 -16.26 2.05
N LYS F 35 -5.11 -16.34 1.76
CA LYS F 35 -4.63 -17.52 1.09
C LYS F 35 -4.21 -18.65 2.00
N GLN F 36 -4.11 -19.82 1.40
CA GLN F 36 -3.73 -21.00 2.12
C GLN F 36 -2.28 -20.91 2.60
N ALA F 37 -1.43 -20.31 1.78
CA ALA F 37 -0.02 -20.16 2.14
C ALA F 37 0.13 -19.38 3.44
N THR F 38 -0.71 -18.36 3.64
CA THR F 38 -0.66 -17.54 4.84
C THR F 38 -0.96 -18.37 6.06
N ILE F 39 -2.03 -19.16 6.01
CA ILE F 39 -2.36 -20.01 7.14
C ILE F 39 -1.12 -20.86 7.43
N SER F 40 -0.58 -21.46 6.38
CA SER F 40 0.61 -22.28 6.51
C SER F 40 1.71 -21.49 7.24
N ASN F 41 2.11 -20.36 6.65
CA ASN F 41 3.15 -19.54 7.24
C ASN F 41 2.84 -19.36 8.74
N PHE F 42 1.67 -18.84 9.04
CA PHE F 42 1.27 -18.63 10.43
C PHE F 42 1.53 -19.84 11.33
N GLU F 43 1.16 -21.03 10.87
CA GLU F 43 1.33 -22.23 11.69
C GLU F 43 2.76 -22.63 11.95
N ASN F 44 3.63 -22.31 11.01
CA ASN F 44 5.05 -22.66 11.13
C ASN F 44 5.97 -21.51 11.58
N ASN F 45 5.72 -20.29 11.09
CA ASN F 45 6.53 -19.14 11.42
C ASN F 45 5.72 -17.97 11.93
N PRO F 46 4.88 -18.19 12.96
CA PRO F 46 4.02 -17.15 13.56
C PRO F 46 4.66 -15.85 14.05
N ASP F 47 5.95 -15.88 14.36
CA ASP F 47 6.64 -14.68 14.82
C ASP F 47 6.34 -13.47 13.95
N ASN F 48 6.63 -13.57 12.66
CA ASN F 48 6.36 -12.48 11.74
C ASN F 48 4.99 -12.63 11.06
N THR F 49 3.92 -12.66 11.87
CA THR F 49 2.56 -12.74 11.38
C THR F 49 1.73 -11.54 11.86
N THR F 50 0.98 -10.97 10.91
CA THR F 50 0.12 -9.83 11.15
C THR F 50 -1.00 -10.15 12.13
N LEU F 51 -1.47 -9.14 12.83
CA LEU F 51 -2.54 -9.34 13.78
C LEU F 51 -3.89 -9.57 13.07
N THR F 52 -4.17 -8.84 11.96
CA THR F 52 -5.45 -9.06 11.25
C THR F 52 -5.45 -10.49 10.74
N THR F 53 -4.31 -10.91 10.21
CA THR F 53 -4.17 -12.28 9.73
C THR F 53 -4.54 -13.18 10.90
N PHE F 54 -3.91 -12.91 12.04
CA PHE F 54 -4.14 -13.68 13.25
C PHE F 54 -5.60 -13.77 13.67
N PHE F 55 -6.30 -12.64 13.67
CA PHE F 55 -7.71 -12.62 14.05
C PHE F 55 -8.66 -13.25 13.03
N LYS F 56 -8.35 -13.10 11.76
CA LYS F 56 -9.17 -13.68 10.70
C LYS F 56 -9.16 -15.20 10.92
N ILE F 57 -7.95 -15.72 11.14
CA ILE F 57 -7.75 -17.15 11.38
C ILE F 57 -8.46 -17.55 12.67
N LEU F 58 -8.41 -16.66 13.66
CA LEU F 58 -9.06 -16.89 14.94
C LEU F 58 -10.56 -17.02 14.73
N GLN F 59 -11.07 -16.22 13.81
CA GLN F 59 -12.50 -16.21 13.50
C GLN F 59 -12.90 -17.45 12.71
N SER F 60 -12.08 -17.80 11.73
CA SER F 60 -12.37 -18.98 10.92
C SER F 60 -12.42 -20.20 11.83
N LEU F 61 -11.67 -20.17 12.92
CA LEU F 61 -11.66 -21.31 13.82
C LEU F 61 -12.79 -21.24 14.82
N GLU F 62 -13.67 -20.25 14.69
CA GLU F 62 -14.79 -20.09 15.60
C GLU F 62 -14.28 -19.92 17.04
N LEU F 63 -13.18 -19.20 17.17
CA LEU F 63 -12.54 -18.94 18.46
C LEU F 63 -12.45 -17.45 18.76
N SER F 64 -11.87 -17.15 19.91
CA SER F 64 -11.68 -15.79 20.39
C SER F 64 -10.62 -15.80 21.47
N MET F 65 -10.18 -14.62 21.86
CA MET F 65 -9.17 -14.57 22.90
C MET F 65 -9.48 -13.59 24.03
N THR F 66 -8.66 -13.63 25.07
CA THR F 66 -8.80 -12.72 26.16
C THR F 66 -7.52 -12.60 26.93
N LEU F 67 -7.40 -11.47 27.59
CA LEU F 67 -6.26 -11.16 28.40
C LEU F 67 -6.40 -11.78 29.81
N CYS F 68 -5.22 -12.05 30.35
CA CYS F 68 -5.01 -12.67 31.67
C CYS F 68 -3.84 -12.06 32.48
N ASP F 69 -3.72 -12.43 33.77
CA ASP F 69 -2.67 -11.85 34.68
C ASP F 69 -1.52 -12.74 35.20
#